data_6S97
#
_entry.id   6S97
#
_cell.length_a   87.556
_cell.length_b   87.556
_cell.length_c   102.125
_cell.angle_alpha   90.000
_cell.angle_beta   90.000
_cell.angle_gamma   120.000
#
_symmetry.space_group_name_H-M   'P 31 2 1'
#
loop_
_entity.id
_entity.type
_entity.pdbx_description
1 polymer 'Fragment transplantation onto hyperstable ancestor of haloalkane dehalogenases and Renilla luciferase (Anc-FT)'
2 water water
#
_entity_poly.entity_id   1
_entity_poly.type   'polypeptide(L)'
_entity_poly.pdbx_seq_one_letter_code
;ATGDEWWAKCKQVDVLDSEMSYYDSDPGKHKNTVIFLHGNPTSSYLWRNVIPHVEPLARCLAPDLIGMGKSGKLPNHSYR
FVDHYRYLSAWFDSVNLPEKVTIVCHDWGSGLGFHWCNEHRDRVKGIVHMESVVDVIESWDEWPDIEEDIALIKSEAGEE
MVLKKNFFIERLLPSSIMRKLSEEEMDAYREPFVEPGESRRPTLTWPREIPIKGDGPEDVIEIVKSYNKWLSTSKDIPKL
FINADPGFFSNAIKKVTKNWPNQKTVTVKGLHFLQEDSPEEIGEAIADFLNELT
;
_entity_poly.pdbx_strand_id   A
#
# COMPACT_ATOMS: atom_id res chain seq x y z
N ALA A 1 -5.36 -12.40 16.09
CA ALA A 1 -5.59 -13.23 14.91
C ALA A 1 -4.28 -13.57 14.20
N THR A 2 -4.02 -14.86 14.02
CA THR A 2 -2.78 -15.35 13.43
C THR A 2 -2.84 -15.30 11.90
N GLY A 3 -1.66 -15.46 11.28
CA GLY A 3 -1.62 -15.47 9.83
C GLY A 3 -2.46 -16.58 9.25
N ASP A 4 -2.35 -17.78 9.83
CA ASP A 4 -3.16 -18.93 9.41
C ASP A 4 -4.65 -18.57 9.35
N GLU A 5 -5.17 -17.98 10.43
CA GLU A 5 -6.59 -17.62 10.46
C GLU A 5 -6.94 -16.63 9.37
N TRP A 6 -6.05 -15.67 9.11
CA TRP A 6 -6.34 -14.63 8.12
C TRP A 6 -6.30 -15.20 6.71
N TRP A 7 -5.24 -15.93 6.38
CA TRP A 7 -5.16 -16.44 5.02
C TRP A 7 -6.12 -17.59 4.79
N ALA A 8 -6.64 -18.22 5.85
CA ALA A 8 -7.72 -19.18 5.68
C ALA A 8 -8.96 -18.52 5.09
N LYS A 9 -9.14 -17.23 5.34
CA LYS A 9 -10.29 -16.46 4.86
C LYS A 9 -10.07 -15.87 3.48
N CYS A 10 -8.90 -16.07 2.89
CA CYS A 10 -8.58 -15.47 1.61
C CYS A 10 -8.67 -16.53 0.50
N LYS A 11 -8.74 -16.06 -0.73
CA LYS A 11 -8.81 -16.95 -1.89
C LYS A 11 -7.63 -16.65 -2.81
N GLN A 12 -7.50 -17.45 -3.88
CA GLN A 12 -6.47 -17.23 -4.87
C GLN A 12 -7.11 -17.13 -6.25
N VAL A 13 -6.50 -16.34 -7.13
CA VAL A 13 -6.90 -16.31 -8.53
C VAL A 13 -5.64 -16.29 -9.38
N ASP A 14 -5.66 -17.06 -10.46
CA ASP A 14 -4.55 -17.06 -11.40
C ASP A 14 -4.40 -15.68 -12.01
N VAL A 15 -3.16 -15.22 -12.12
CA VAL A 15 -2.87 -13.91 -12.68
C VAL A 15 -1.66 -14.04 -13.58
N LEU A 16 -1.86 -13.82 -14.88
CA LEU A 16 -0.84 -14.07 -15.89
C LEU A 16 -0.27 -15.47 -15.60
N ASP A 17 1.04 -15.63 -15.46
CA ASP A 17 1.70 -16.90 -15.22
C ASP A 17 1.62 -17.36 -13.76
N SER A 18 1.03 -16.58 -12.87
CA SER A 18 1.19 -16.81 -11.44
C SER A 18 -0.19 -16.87 -10.79
N GLU A 19 -0.20 -16.71 -9.46
CA GLU A 19 -1.42 -16.59 -8.70
C GLU A 19 -1.28 -15.42 -7.72
N MET A 20 -2.41 -14.83 -7.36
CA MET A 20 -2.39 -13.83 -6.30
C MET A 20 -3.43 -14.22 -5.25
N SER A 21 -3.08 -14.06 -3.99
CA SER A 21 -4.00 -14.32 -2.89
C SER A 21 -4.62 -13.02 -2.45
N TYR A 22 -5.89 -13.08 -2.07
CA TYR A 22 -6.59 -11.85 -1.70
C TYR A 22 -7.76 -12.15 -0.79
N TYR A 23 -8.09 -11.17 0.04
CA TYR A 23 -9.28 -11.23 0.87
C TYR A 23 -10.46 -10.75 0.05
N ASP A 24 -11.61 -11.42 0.20
CA ASP A 24 -12.83 -11.02 -0.48
C ASP A 24 -14.01 -11.24 0.46
N SER A 25 -14.64 -10.14 0.90
CA SER A 25 -15.73 -10.26 1.87
C SER A 25 -17.04 -10.73 1.24
N ASP A 26 -17.19 -10.61 -0.09
N ASP A 26 -17.18 -10.63 -0.08
CA ASP A 26 -18.43 -10.96 -0.77
CA ASP A 26 -18.43 -10.96 -0.77
C ASP A 26 -18.13 -11.31 -2.22
C ASP A 26 -18.14 -11.31 -2.22
N PRO A 27 -17.64 -12.52 -2.47
CA PRO A 27 -17.32 -12.91 -3.85
C PRO A 27 -18.52 -12.73 -4.78
N GLY A 28 -18.22 -12.33 -6.02
CA GLY A 28 -19.22 -12.09 -7.05
C GLY A 28 -20.37 -11.19 -6.68
N LYS A 29 -20.08 -9.97 -6.22
CA LYS A 29 -21.13 -8.99 -5.88
C LYS A 29 -20.75 -7.64 -6.46
N HIS A 30 -21.66 -7.04 -7.21
CA HIS A 30 -21.43 -5.74 -7.83
C HIS A 30 -22.00 -4.58 -7.02
N LYS A 31 -22.11 -4.74 -5.70
CA LYS A 31 -22.52 -3.66 -4.83
C LYS A 31 -21.36 -2.68 -4.65
N ASN A 32 -21.46 -1.80 -3.65
CA ASN A 32 -20.35 -0.94 -3.27
C ASN A 32 -19.11 -1.77 -2.95
N THR A 33 -17.99 -1.44 -3.60
CA THR A 33 -16.78 -2.25 -3.55
C THR A 33 -15.58 -1.39 -3.19
N VAL A 34 -14.79 -1.85 -2.22
CA VAL A 34 -13.61 -1.15 -1.71
C VAL A 34 -12.42 -2.09 -1.81
N ILE A 35 -11.33 -1.62 -2.41
CA ILE A 35 -10.12 -2.41 -2.60
C ILE A 35 -9.01 -1.81 -1.76
N PHE A 36 -8.39 -2.62 -0.89
CA PHE A 36 -7.38 -2.16 0.08
C PHE A 36 -6.00 -2.60 -0.40
N LEU A 37 -5.09 -1.64 -0.62
CA LEU A 37 -3.75 -1.90 -1.18
C LEU A 37 -2.67 -1.65 -0.14
N HIS A 38 -1.98 -2.71 0.28
CA HIS A 38 -0.86 -2.62 1.21
C HIS A 38 0.44 -2.27 0.49
N GLY A 39 1.52 -2.07 1.25
CA GLY A 39 2.80 -1.69 0.69
C GLY A 39 3.93 -2.52 1.26
N ASN A 40 5.09 -1.84 1.53
CA ASN A 40 6.26 -2.62 1.91
C ASN A 40 6.51 -2.49 3.39
N PRO A 41 6.79 -3.59 4.11
CA PRO A 41 6.89 -4.98 3.64
C PRO A 41 5.71 -5.81 4.11
N THR A 42 4.49 -5.33 3.94
CA THR A 42 3.36 -5.96 4.60
C THR A 42 2.60 -6.84 3.60
N SER A 43 1.32 -7.10 3.88
CA SER A 43 0.46 -7.90 3.03
C SER A 43 -0.98 -7.45 3.29
N SER A 44 -1.95 -8.19 2.72
CA SER A 44 -3.35 -7.93 3.09
C SER A 44 -3.59 -8.05 4.59
N TYR A 45 -2.70 -8.70 5.33
CA TYR A 45 -2.88 -8.90 6.77
C TYR A 45 -2.88 -7.57 7.51
N LEU A 46 -2.22 -6.56 6.94
CA LEU A 46 -2.21 -5.22 7.53
C LEU A 46 -3.61 -4.65 7.71
N TRP A 47 -4.58 -5.09 6.89
CA TRP A 47 -5.91 -4.48 6.92
C TRP A 47 -6.88 -5.25 7.79
N ARG A 48 -6.42 -6.28 8.51
CA ARG A 48 -7.33 -7.24 9.14
C ARG A 48 -8.25 -6.61 10.18
N ASN A 49 -7.79 -5.58 10.89
CA ASN A 49 -8.59 -4.95 11.93
C ASN A 49 -9.26 -3.67 11.45
N VAL A 50 -9.00 -3.28 10.20
CA VAL A 50 -9.63 -2.15 9.55
C VAL A 50 -10.85 -2.59 8.76
N ILE A 51 -10.71 -3.69 8.03
CA ILE A 51 -11.77 -4.13 7.12
C ILE A 51 -13.08 -4.44 7.84
N PRO A 52 -13.09 -5.06 9.04
CA PRO A 52 -14.37 -5.28 9.73
C PRO A 52 -15.27 -4.05 9.84
N HIS A 53 -14.68 -2.86 10.04
CA HIS A 53 -15.47 -1.63 10.15
C HIS A 53 -16.04 -1.16 8.83
N VAL A 54 -15.54 -1.68 7.70
CA VAL A 54 -16.02 -1.32 6.39
C VAL A 54 -16.91 -2.40 5.77
N GLU A 55 -16.68 -3.66 6.13
CA GLU A 55 -17.41 -4.79 5.55
C GLU A 55 -18.92 -4.64 5.51
N PRO A 56 -19.59 -4.11 6.54
CA PRO A 56 -21.05 -3.99 6.48
C PRO A 56 -21.56 -3.11 5.37
N LEU A 57 -20.72 -2.22 4.82
CA LEU A 57 -21.15 -1.24 3.84
C LEU A 57 -20.68 -1.53 2.43
N ALA A 58 -19.80 -2.51 2.25
CA ALA A 58 -19.16 -2.70 0.95
C ALA A 58 -18.47 -4.03 0.94
N ARG A 59 -18.41 -4.63 -0.26
CA ARG A 59 -17.53 -5.75 -0.51
C ARG A 59 -16.09 -5.26 -0.45
N CYS A 60 -15.31 -5.83 0.47
CA CYS A 60 -13.93 -5.41 0.70
C CYS A 60 -12.95 -6.43 0.14
N LEU A 61 -12.02 -5.95 -0.67
CA LEU A 61 -11.00 -6.79 -1.28
C LEU A 61 -9.62 -6.30 -0.87
N ALA A 62 -8.76 -7.24 -0.50
CA ALA A 62 -7.41 -6.93 -0.07
C ALA A 62 -6.44 -7.94 -0.70
N PRO A 63 -5.84 -7.59 -1.83
CA PRO A 63 -4.86 -8.49 -2.44
C PRO A 63 -3.47 -8.37 -1.82
N ASP A 64 -2.78 -9.52 -1.82
CA ASP A 64 -1.34 -9.58 -1.55
C ASP A 64 -0.61 -9.25 -2.85
N LEU A 65 0.23 -8.22 -2.83
CA LEU A 65 0.99 -7.91 -4.04
C LEU A 65 1.86 -9.11 -4.43
N ILE A 66 2.24 -9.15 -5.71
CA ILE A 66 3.01 -10.27 -6.22
C ILE A 66 4.34 -10.38 -5.46
N GLY A 67 4.72 -11.60 -5.12
CA GLY A 67 5.91 -11.84 -4.31
C GLY A 67 5.73 -11.55 -2.84
N MET A 68 4.54 -11.16 -2.42
CA MET A 68 4.28 -10.78 -1.04
C MET A 68 3.07 -11.55 -0.52
N GLY A 69 2.90 -11.55 0.80
CA GLY A 69 1.80 -12.28 1.41
C GLY A 69 1.82 -13.73 0.94
N LYS A 70 0.67 -14.22 0.49
CA LYS A 70 0.50 -15.57 -0.05
C LYS A 70 0.48 -15.59 -1.58
N SER A 71 0.75 -14.46 -2.21
CA SER A 71 0.76 -14.42 -3.65
C SER A 71 2.00 -15.15 -4.17
N GLY A 72 2.00 -15.44 -5.48
CA GLY A 72 3.08 -16.22 -6.05
C GLY A 72 4.37 -15.45 -6.16
N LYS A 73 5.47 -16.19 -6.30
CA LYS A 73 6.80 -15.62 -6.39
C LYS A 73 7.31 -15.69 -7.83
N LEU A 74 8.02 -14.64 -8.27
CA LEU A 74 8.45 -14.55 -9.67
C LEU A 74 9.82 -15.17 -9.84
N PRO A 75 9.97 -16.22 -10.67
CA PRO A 75 11.29 -16.84 -10.88
C PRO A 75 12.42 -15.88 -11.21
N ASN A 76 12.16 -14.80 -11.94
CA ASN A 76 13.25 -13.93 -12.36
C ASN A 76 13.58 -12.85 -11.33
N HIS A 77 12.84 -12.80 -10.22
CA HIS A 77 13.16 -11.94 -9.08
C HIS A 77 13.06 -10.45 -9.40
N SER A 78 12.31 -10.08 -10.42
CA SER A 78 12.21 -8.70 -10.86
C SER A 78 10.86 -8.20 -10.37
N TYR A 79 10.90 -7.28 -9.41
CA TYR A 79 9.74 -6.79 -8.69
C TYR A 79 9.67 -5.28 -8.72
N ARG A 80 10.00 -4.67 -9.86
CA ARG A 80 9.92 -3.22 -9.94
C ARG A 80 8.46 -2.77 -9.86
N PHE A 81 8.25 -1.46 -9.74
CA PHE A 81 6.89 -0.93 -9.76
C PHE A 81 6.12 -1.48 -10.96
N VAL A 82 6.75 -1.50 -12.13
CA VAL A 82 6.01 -1.88 -13.33
C VAL A 82 5.67 -3.37 -13.32
N ASP A 83 6.59 -4.21 -12.79
CA ASP A 83 6.25 -5.61 -12.62
C ASP A 83 5.04 -5.78 -11.70
N HIS A 84 5.06 -5.07 -10.55
CA HIS A 84 3.92 -5.15 -9.64
C HIS A 84 2.64 -4.67 -10.30
N TYR A 85 2.75 -3.66 -11.18
CA TYR A 85 1.56 -3.12 -11.82
C TYR A 85 0.99 -4.06 -12.87
N ARG A 86 1.85 -4.80 -13.58
CA ARG A 86 1.35 -5.79 -14.53
C ARG A 86 0.43 -6.79 -13.84
N TYR A 87 0.92 -7.42 -12.78
CA TYR A 87 0.13 -8.38 -12.00
C TYR A 87 -1.07 -7.73 -11.33
N LEU A 88 -0.86 -6.57 -10.69
CA LEU A 88 -1.98 -6.00 -9.95
C LEU A 88 -3.10 -5.58 -10.88
N SER A 89 -2.74 -4.99 -12.03
CA SER A 89 -3.77 -4.59 -12.99
C SER A 89 -4.52 -5.80 -13.53
N ALA A 90 -3.81 -6.91 -13.73
CA ALA A 90 -4.49 -8.11 -14.22
C ALA A 90 -5.39 -8.69 -13.15
N TRP A 91 -5.01 -8.52 -11.87
CA TRP A 91 -5.85 -8.93 -10.76
C TRP A 91 -7.14 -8.13 -10.76
N PHE A 92 -7.03 -6.80 -10.90
CA PHE A 92 -8.22 -5.97 -10.97
C PHE A 92 -9.22 -6.53 -11.99
N ASP A 93 -8.71 -6.96 -13.15
CA ASP A 93 -9.53 -7.53 -14.20
C ASP A 93 -10.07 -8.92 -13.88
N SER A 94 -9.63 -9.56 -12.79
CA SER A 94 -9.94 -10.96 -12.56
C SER A 94 -10.90 -11.23 -11.41
N VAL A 95 -11.36 -10.20 -10.68
CA VAL A 95 -12.14 -10.43 -9.47
C VAL A 95 -13.58 -9.91 -9.60
N ASN A 96 -14.07 -9.72 -10.83
CA ASN A 96 -15.48 -9.39 -11.06
C ASN A 96 -15.87 -8.07 -10.38
N LEU A 97 -15.10 -7.03 -10.67
CA LEU A 97 -15.35 -5.72 -10.07
C LEU A 97 -16.51 -5.02 -10.76
N PRO A 98 -17.26 -4.18 -10.02
CA PRO A 98 -18.23 -3.31 -10.66
C PRO A 98 -17.55 -2.15 -11.38
N GLU A 99 -18.32 -1.26 -12.00
CA GLU A 99 -17.73 -0.23 -12.84
C GLU A 99 -16.92 0.80 -12.04
N LYS A 100 -17.37 1.15 -10.84
CA LYS A 100 -16.69 2.14 -10.03
C LYS A 100 -16.31 1.55 -8.68
N VAL A 101 -15.10 1.84 -8.23
CA VAL A 101 -14.56 1.28 -7.01
C VAL A 101 -13.97 2.40 -6.17
N THR A 102 -13.83 2.13 -4.87
CA THR A 102 -13.06 2.96 -3.96
C THR A 102 -11.75 2.27 -3.61
N ILE A 103 -10.65 2.99 -3.73
CA ILE A 103 -9.31 2.49 -3.41
C ILE A 103 -8.90 3.04 -2.05
N VAL A 104 -8.54 2.15 -1.12
CA VAL A 104 -7.89 2.52 0.15
C VAL A 104 -6.43 2.05 0.04
N CYS A 105 -5.47 2.96 0.22
CA CYS A 105 -4.10 2.55 -0.04
C CYS A 105 -3.10 3.13 0.98
N HIS A 106 -1.92 2.52 1.00
CA HIS A 106 -0.84 2.72 1.95
C HIS A 106 0.47 2.48 1.24
N ASP A 107 1.44 3.37 1.46
CA ASP A 107 2.83 3.17 1.06
C ASP A 107 2.85 2.86 -0.44
N TRP A 108 3.53 1.79 -0.88
CA TRP A 108 3.62 1.52 -2.32
C TRP A 108 2.31 1.02 -2.90
N GLY A 109 1.42 0.47 -2.07
CA GLY A 109 0.05 0.27 -2.50
C GLY A 109 -0.59 1.56 -2.97
N SER A 110 -0.16 2.69 -2.42
CA SER A 110 -0.72 3.95 -2.87
C SER A 110 -0.09 4.38 -4.18
N GLY A 111 1.20 4.11 -4.37
CA GLY A 111 1.78 4.37 -5.69
C GLY A 111 1.07 3.57 -6.77
N LEU A 112 0.79 2.30 -6.48
CA LEU A 112 0.11 1.45 -7.47
C LEU A 112 -1.35 1.85 -7.63
N GLY A 113 -2.01 2.15 -6.51
CA GLY A 113 -3.41 2.55 -6.56
C GLY A 113 -3.60 3.92 -7.18
N PHE A 114 -2.70 4.87 -6.89
CA PHE A 114 -2.77 6.16 -7.57
C PHE A 114 -2.59 6.00 -9.07
N HIS A 115 -1.66 5.14 -9.48
CA HIS A 115 -1.40 4.95 -10.90
C HIS A 115 -2.58 4.26 -11.59
N TRP A 116 -3.16 3.26 -10.92
CA TRP A 116 -4.28 2.55 -11.53
C TRP A 116 -5.47 3.48 -11.70
N CYS A 117 -5.71 4.35 -10.71
CA CYS A 117 -6.76 5.35 -10.82
C CYS A 117 -6.48 6.31 -11.96
N ASN A 118 -5.23 6.78 -12.06
CA ASN A 118 -4.86 7.73 -13.10
C ASN A 118 -5.05 7.14 -14.48
N GLU A 119 -4.88 5.82 -14.63
CA GLU A 119 -5.07 5.15 -15.90
C GLU A 119 -6.50 4.66 -16.11
N HIS A 120 -7.34 4.75 -15.09
CA HIS A 120 -8.74 4.31 -15.19
C HIS A 120 -9.62 5.37 -14.52
N ARG A 121 -9.52 6.60 -15.03
CA ARG A 121 -10.09 7.74 -14.31
C ARG A 121 -11.60 7.66 -14.17
N ASP A 122 -12.28 6.94 -15.06
CA ASP A 122 -13.72 6.86 -15.03
C ASP A 122 -14.24 5.76 -14.11
N ARG A 123 -13.36 5.06 -13.40
CA ARG A 123 -13.78 3.96 -12.54
C ARG A 123 -13.59 4.25 -11.06
N VAL A 124 -13.24 5.48 -10.68
CA VAL A 124 -12.85 5.80 -9.32
C VAL A 124 -13.99 6.53 -8.62
N LYS A 125 -14.60 5.86 -7.65
CA LYS A 125 -15.62 6.49 -6.84
C LYS A 125 -15.01 7.40 -5.78
N GLY A 126 -13.78 7.11 -5.38
CA GLY A 126 -13.15 7.74 -4.23
C GLY A 126 -11.81 7.12 -3.92
N ILE A 127 -10.96 7.83 -3.16
CA ILE A 127 -9.63 7.38 -2.80
C ILE A 127 -9.36 7.77 -1.34
N VAL A 128 -8.98 6.78 -0.53
CA VAL A 128 -8.48 6.99 0.82
C VAL A 128 -7.02 6.58 0.82
N HIS A 129 -6.12 7.51 1.16
CA HIS A 129 -4.71 7.21 1.21
C HIS A 129 -4.11 7.64 2.54
N MET A 130 -3.01 7.01 2.89
CA MET A 130 -2.35 7.20 4.18
C MET A 130 -0.89 6.78 4.02
N GLU A 131 0.01 7.59 4.56
CA GLU A 131 1.45 7.29 4.49
C GLU A 131 1.83 6.83 3.08
N SER A 132 1.41 7.63 2.12
CA SER A 132 1.29 7.31 0.70
C SER A 132 2.49 7.83 -0.09
N VAL A 133 2.55 7.46 -1.37
CA VAL A 133 3.59 7.95 -2.28
C VAL A 133 2.91 8.99 -3.17
N VAL A 134 3.01 10.27 -2.78
CA VAL A 134 2.22 11.32 -3.42
C VAL A 134 3.00 12.18 -4.40
N ASP A 135 4.32 12.06 -4.45
CA ASP A 135 5.08 12.93 -5.35
C ASP A 135 6.49 12.39 -5.54
N VAL A 136 7.17 12.99 -6.49
CA VAL A 136 8.61 12.83 -6.61
C VAL A 136 9.28 13.70 -5.55
N ILE A 137 10.42 13.24 -5.07
CA ILE A 137 11.19 14.00 -4.07
C ILE A 137 12.19 14.83 -4.85
N GLU A 138 11.98 16.15 -4.85
CA GLU A 138 12.82 17.09 -5.59
C GLU A 138 13.72 17.94 -4.69
N SER A 139 13.31 18.19 -3.44
CA SER A 139 14.15 18.89 -2.46
C SER A 139 14.05 18.13 -1.14
N TRP A 140 15.19 17.66 -0.63
CA TRP A 140 15.20 16.80 0.54
C TRP A 140 14.65 17.47 1.79
N ASP A 141 14.70 18.79 1.88
CA ASP A 141 14.32 19.42 3.15
C ASP A 141 12.82 19.37 3.41
N GLU A 142 12.02 18.97 2.43
N GLU A 142 12.01 18.99 2.42
CA GLU A 142 10.58 18.85 2.59
CA GLU A 142 10.57 18.85 2.64
C GLU A 142 10.14 17.41 2.88
C GLU A 142 10.14 17.40 2.86
N TRP A 143 11.08 16.51 3.15
CA TRP A 143 10.81 15.10 3.39
C TRP A 143 11.60 14.64 4.61
N PRO A 144 11.14 13.58 5.28
CA PRO A 144 11.95 12.99 6.36
C PRO A 144 13.34 12.63 5.86
N ASP A 145 14.32 12.74 6.74
CA ASP A 145 15.73 12.67 6.36
C ASP A 145 16.11 11.22 6.06
N ILE A 146 15.82 10.80 4.82
CA ILE A 146 16.13 9.43 4.39
C ILE A 146 17.20 9.38 3.33
N GLU A 147 17.76 10.53 2.90
CA GLU A 147 18.79 10.53 1.87
C GLU A 147 19.83 9.46 2.13
N GLU A 148 20.42 9.46 3.33
CA GLU A 148 21.49 8.52 3.63
C GLU A 148 20.96 7.09 3.68
N ASP A 149 19.75 6.89 4.21
CA ASP A 149 19.19 5.53 4.24
C ASP A 149 19.00 4.97 2.83
N ILE A 150 18.68 5.82 1.86
CA ILE A 150 18.34 5.32 0.53
C ILE A 150 19.61 4.94 -0.24
N ALA A 151 20.65 5.76 -0.13
CA ALA A 151 21.93 5.41 -0.72
C ALA A 151 22.46 4.10 -0.15
N LEU A 152 22.32 3.93 1.18
CA LEU A 152 22.67 2.68 1.85
C LEU A 152 21.90 1.50 1.25
N ILE A 153 20.58 1.64 1.14
CA ILE A 153 19.74 0.54 0.68
C ILE A 153 20.09 0.15 -0.75
N LYS A 154 20.33 1.14 -1.61
CA LYS A 154 20.76 0.88 -2.98
C LYS A 154 22.13 0.22 -3.05
N SER A 155 22.92 0.29 -1.98
CA SER A 155 24.25 -0.30 -2.02
C SER A 155 24.18 -1.80 -1.76
N GLU A 156 25.27 -2.49 -2.07
CA GLU A 156 25.32 -3.94 -1.84
C GLU A 156 25.19 -4.25 -0.36
N ALA A 157 25.71 -3.38 0.51
CA ALA A 157 25.48 -3.54 1.94
C ALA A 157 24.00 -3.68 2.25
N GLY A 158 23.16 -2.87 1.59
CA GLY A 158 21.74 -2.92 1.86
C GLY A 158 21.07 -4.18 1.36
N GLU A 159 21.56 -4.72 0.23
CA GLU A 159 21.12 -6.04 -0.20
C GLU A 159 21.41 -7.09 0.85
N GLU A 160 22.57 -6.99 1.52
CA GLU A 160 22.90 -7.96 2.55
C GLU A 160 22.03 -7.78 3.79
N MET A 161 21.67 -6.53 4.11
CA MET A 161 20.82 -6.29 5.27
C MET A 161 19.42 -6.82 5.02
N VAL A 162 18.91 -6.68 3.81
CA VAL A 162 17.56 -7.11 3.51
C VAL A 162 17.52 -8.61 3.19
N LEU A 163 18.27 -9.03 2.17
CA LEU A 163 18.17 -10.43 1.74
C LEU A 163 18.66 -11.39 2.82
N LYS A 164 19.72 -11.02 3.54
CA LYS A 164 20.31 -11.93 4.53
C LYS A 164 19.87 -11.65 5.96
N LYS A 165 19.68 -10.39 6.34
CA LYS A 165 19.27 -10.07 7.71
C LYS A 165 17.79 -9.70 7.84
N ASN A 166 17.04 -9.58 6.74
CA ASN A 166 15.61 -9.27 6.78
C ASN A 166 15.36 -7.92 7.47
N PHE A 167 16.19 -6.94 7.13
CA PHE A 167 16.12 -5.61 7.74
C PHE A 167 14.71 -5.05 7.77
N PHE A 168 13.95 -5.25 6.69
CA PHE A 168 12.67 -4.54 6.57
C PHE A 168 11.62 -5.14 7.49
N ILE A 169 11.63 -6.47 7.64
CA ILE A 169 10.70 -7.15 8.54
C ILE A 169 11.15 -7.01 9.99
N GLU A 170 12.43 -7.25 10.28
CA GLU A 170 12.88 -7.40 11.65
C GLU A 170 13.22 -6.08 12.32
N ARG A 171 13.51 -5.03 11.55
CA ARG A 171 13.91 -3.74 12.12
C ARG A 171 12.97 -2.62 11.70
N LEU A 172 12.83 -2.35 10.40
CA LEU A 172 12.01 -1.22 9.98
C LEU A 172 10.56 -1.37 10.43
N LEU A 173 9.99 -2.56 10.26
CA LEU A 173 8.58 -2.74 10.57
C LEU A 173 8.24 -2.48 12.04
N PRO A 174 8.90 -3.10 13.03
CA PRO A 174 8.52 -2.81 14.42
C PRO A 174 8.93 -1.41 14.85
N SER A 175 9.99 -0.87 14.25
CA SER A 175 10.40 0.52 14.48
C SER A 175 9.27 1.51 14.23
N SER A 176 8.31 1.20 13.36
CA SER A 176 7.36 2.22 13.00
C SER A 176 5.94 1.81 13.37
N ILE A 177 5.83 1.01 14.43
CA ILE A 177 4.55 0.72 15.09
C ILE A 177 4.71 1.12 16.54
N MET A 178 3.77 1.93 17.06
CA MET A 178 3.93 2.44 18.43
C MET A 178 3.79 1.33 19.47
N ARG A 179 2.82 0.43 19.30
CA ARG A 179 2.66 -0.65 20.25
C ARG A 179 3.63 -1.78 19.91
N LYS A 180 3.61 -2.85 20.71
CA LYS A 180 4.39 -4.04 20.41
C LYS A 180 3.47 -5.08 19.82
N LEU A 181 3.81 -5.59 18.62
CA LEU A 181 3.01 -6.67 18.07
C LEU A 181 3.15 -7.91 18.94
N SER A 182 2.15 -8.78 18.89
CA SER A 182 2.29 -10.09 19.48
C SER A 182 3.25 -10.94 18.63
N GLU A 183 3.66 -12.09 19.20
CA GLU A 183 4.47 -13.01 18.42
C GLU A 183 3.68 -13.56 17.23
N GLU A 184 2.38 -13.78 17.41
CA GLU A 184 1.53 -14.26 16.32
C GLU A 184 1.44 -13.24 15.21
N GLU A 185 1.28 -11.96 15.55
CA GLU A 185 1.18 -10.90 14.55
C GLU A 185 2.50 -10.73 13.80
N MET A 186 3.62 -10.81 14.51
CA MET A 186 4.92 -10.66 13.87
C MET A 186 5.23 -11.85 12.96
N ASP A 187 4.80 -13.04 13.38
CA ASP A 187 5.01 -14.24 12.57
C ASP A 187 4.21 -14.18 11.28
N ALA A 188 3.08 -13.49 11.30
CA ALA A 188 2.29 -13.30 10.08
C ALA A 188 3.03 -12.40 9.09
N TYR A 189 3.68 -11.35 9.59
CA TYR A 189 4.48 -10.52 8.68
C TYR A 189 5.72 -11.25 8.22
N ARG A 190 6.25 -12.16 9.06
CA ARG A 190 7.46 -12.89 8.69
C ARG A 190 7.19 -13.99 7.65
N GLU A 191 6.00 -14.56 7.68
CA GLU A 191 5.72 -15.78 6.90
C GLU A 191 6.16 -15.72 5.45
N PRO A 192 5.91 -14.65 4.68
CA PRO A 192 6.32 -14.67 3.27
C PRO A 192 7.82 -14.61 3.06
N PHE A 193 8.62 -14.39 4.11
CA PHE A 193 10.02 -14.04 3.92
C PHE A 193 10.96 -14.90 4.76
N VAL A 194 10.44 -16.00 5.32
CA VAL A 194 11.22 -16.86 6.20
C VAL A 194 12.43 -17.47 5.48
N GLU A 195 12.34 -17.70 4.16
CA GLU A 195 13.48 -18.29 3.47
C GLU A 195 14.49 -17.19 3.12
N PRO A 196 15.72 -17.27 3.63
CA PRO A 196 16.69 -16.22 3.32
C PRO A 196 16.99 -16.15 1.84
N GLY A 197 17.36 -14.97 1.40
CA GLY A 197 17.72 -14.74 0.01
C GLY A 197 16.59 -14.11 -0.77
N GLU A 198 16.30 -14.66 -1.95
CA GLU A 198 15.49 -13.99 -2.95
C GLU A 198 14.00 -13.91 -2.59
N SER A 199 13.52 -14.66 -1.60
CA SER A 199 12.13 -14.44 -1.17
C SER A 199 11.93 -13.02 -0.63
N ARG A 200 12.98 -12.38 -0.17
CA ARG A 200 12.91 -11.02 0.41
C ARG A 200 13.17 -9.92 -0.59
N ARG A 201 13.39 -10.28 -1.86
CA ARG A 201 13.64 -9.29 -2.91
C ARG A 201 12.57 -8.21 -3.02
N PRO A 202 11.27 -8.48 -2.89
CA PRO A 202 10.32 -7.36 -3.01
C PRO A 202 10.55 -6.28 -1.96
N THR A 203 11.04 -6.65 -0.80
CA THR A 203 11.28 -5.69 0.28
C THR A 203 12.51 -4.84 0.03
N LEU A 204 13.42 -5.31 -0.84
CA LEU A 204 14.59 -4.55 -1.23
C LEU A 204 14.34 -3.66 -2.45
N THR A 205 13.60 -4.18 -3.43
CA THR A 205 13.33 -3.41 -4.64
C THR A 205 12.42 -2.22 -4.38
N TRP A 206 11.47 -2.37 -3.45
CA TRP A 206 10.52 -1.28 -3.20
C TRP A 206 11.23 0.01 -2.81
N PRO A 207 12.12 0.04 -1.81
CA PRO A 207 12.80 1.31 -1.50
C PRO A 207 13.76 1.77 -2.58
N ARG A 208 14.28 0.86 -3.41
CA ARG A 208 15.10 1.27 -4.55
C ARG A 208 14.29 1.98 -5.65
N GLU A 209 12.96 1.82 -5.64
CA GLU A 209 12.07 2.52 -6.57
C GLU A 209 11.64 3.91 -6.09
N ILE A 210 12.06 4.34 -4.89
CA ILE A 210 11.68 5.68 -4.43
C ILE A 210 11.98 6.69 -5.53
N PRO A 211 11.00 7.52 -5.97
CA PRO A 211 11.30 8.51 -7.02
C PRO A 211 12.03 9.72 -6.47
N ILE A 212 13.34 9.79 -6.70
CA ILE A 212 14.19 10.92 -6.30
C ILE A 212 14.53 11.69 -7.57
N LYS A 213 14.03 12.92 -7.68
CA LYS A 213 14.31 13.76 -8.84
C LYS A 213 15.81 13.90 -9.06
N GLY A 214 16.36 13.10 -9.97
CA GLY A 214 17.78 13.08 -10.23
C GLY A 214 18.50 11.84 -9.73
N ASP A 215 17.80 10.90 -9.10
CA ASP A 215 18.37 9.59 -8.81
C ASP A 215 17.60 8.45 -9.48
N GLY A 216 16.71 8.76 -10.43
CA GLY A 216 15.88 7.76 -11.04
C GLY A 216 14.96 7.14 -10.02
N PRO A 217 14.30 6.02 -10.37
CA PRO A 217 14.18 5.48 -11.73
C PRO A 217 13.25 6.34 -12.56
N GLU A 218 13.63 6.65 -13.81
CA GLU A 218 12.84 7.62 -14.56
C GLU A 218 11.47 7.08 -14.99
N ASP A 219 11.27 5.76 -15.03
CA ASP A 219 9.92 5.29 -15.30
C ASP A 219 9.00 5.58 -14.13
N VAL A 220 9.48 5.31 -12.91
CA VAL A 220 8.65 5.60 -11.72
C VAL A 220 8.42 7.10 -11.60
N ILE A 221 9.49 7.89 -11.79
CA ILE A 221 9.39 9.35 -11.70
C ILE A 221 8.23 9.87 -12.54
N GLU A 222 8.12 9.41 -13.79
CA GLU A 222 7.11 10.02 -14.64
C GLU A 222 5.74 9.41 -14.42
N ILE A 223 5.66 8.16 -13.95
CA ILE A 223 4.39 7.64 -13.45
C ILE A 223 3.88 8.53 -12.31
N VAL A 224 4.71 8.71 -11.28
CA VAL A 224 4.30 9.49 -10.10
C VAL A 224 4.02 10.94 -10.48
N LYS A 225 4.90 11.52 -11.29
CA LYS A 225 4.69 12.88 -11.76
C LYS A 225 3.32 13.03 -12.42
N SER A 226 2.90 12.02 -13.20
CA SER A 226 1.64 12.14 -13.93
C SER A 226 0.43 11.86 -13.05
N TYR A 227 0.51 10.95 -12.07
CA TYR A 227 -0.66 10.81 -11.20
C TYR A 227 -0.74 11.90 -10.14
N ASN A 228 0.39 12.52 -9.78
CA ASN A 228 0.34 13.65 -8.87
C ASN A 228 -0.35 14.84 -9.53
N LYS A 229 0.03 15.16 -10.76
CA LYS A 229 -0.61 16.23 -11.50
C LYS A 229 -2.12 16.00 -11.61
N TRP A 230 -2.54 14.78 -11.96
CA TRP A 230 -3.98 14.52 -12.08
C TRP A 230 -4.66 14.63 -10.73
N LEU A 231 -4.06 14.08 -9.67
CA LEU A 231 -4.69 14.17 -8.36
C LEU A 231 -4.77 15.61 -7.88
N SER A 232 -3.80 16.44 -8.25
CA SER A 232 -3.77 17.84 -7.86
C SER A 232 -4.86 18.67 -8.53
N THR A 233 -5.58 18.10 -9.50
CA THR A 233 -6.72 18.75 -10.13
C THR A 233 -7.97 17.87 -10.03
N SER A 234 -7.91 16.81 -9.24
CA SER A 234 -8.98 15.82 -9.16
C SER A 234 -10.16 16.37 -8.39
N LYS A 235 -10.80 17.43 -8.91
CA LYS A 235 -11.77 18.17 -8.13
C LYS A 235 -13.03 17.35 -7.87
N ASP A 236 -13.36 16.39 -8.73
CA ASP A 236 -14.56 15.61 -8.52
C ASP A 236 -14.28 14.15 -8.18
N ILE A 237 -13.09 13.87 -7.62
CA ILE A 237 -12.78 12.58 -7.00
C ILE A 237 -12.74 12.80 -5.49
N PRO A 238 -13.72 12.32 -4.74
CA PRO A 238 -13.63 12.44 -3.28
C PRO A 238 -12.41 11.69 -2.75
N LYS A 239 -11.65 12.37 -1.88
CA LYS A 239 -10.37 11.89 -1.39
C LYS A 239 -10.30 12.08 0.12
N LEU A 240 -9.86 11.04 0.82
CA LEU A 240 -9.62 11.10 2.25
C LEU A 240 -8.14 10.84 2.48
N PHE A 241 -7.46 11.81 3.08
CA PHE A 241 -6.09 11.65 3.52
C PHE A 241 -6.17 11.33 5.02
N ILE A 242 -5.74 10.14 5.40
CA ILE A 242 -5.67 9.81 6.82
C ILE A 242 -4.27 10.11 7.30
N ASN A 243 -4.17 11.15 8.14
CA ASN A 243 -2.92 11.68 8.65
C ASN A 243 -2.52 10.93 9.92
N ALA A 244 -1.28 10.45 9.95
CA ALA A 244 -0.75 9.75 11.10
C ALA A 244 0.11 10.73 11.89
N ASP A 245 -0.07 10.74 13.21
CA ASP A 245 0.65 11.63 14.13
C ASP A 245 1.46 10.77 15.09
N PRO A 246 2.78 10.82 15.08
CA PRO A 246 3.64 11.70 14.29
C PRO A 246 3.82 11.26 12.86
N GLY A 247 3.45 10.01 12.57
CA GLY A 247 3.67 9.48 11.23
C GLY A 247 5.14 9.40 10.86
N PHE A 248 5.36 9.31 9.56
CA PHE A 248 6.69 9.23 8.98
C PHE A 248 6.74 10.14 7.76
N PHE A 249 5.98 9.78 6.72
CA PHE A 249 5.77 10.62 5.55
C PHE A 249 4.63 11.60 5.72
N SER A 250 3.79 11.44 6.75
CA SER A 250 2.56 12.21 6.84
C SER A 250 2.82 13.72 6.76
N ASN A 251 3.84 14.20 7.47
CA ASN A 251 4.13 15.63 7.46
C ASN A 251 4.39 16.13 6.05
N ALA A 252 5.19 15.39 5.27
CA ALA A 252 5.47 15.78 3.89
C ALA A 252 4.24 15.69 3.00
N ILE A 253 3.36 14.72 3.26
CA ILE A 253 2.16 14.56 2.43
C ILE A 253 1.17 15.68 2.72
N LYS A 254 1.13 16.12 3.99
CA LYS A 254 0.31 17.28 4.33
C LYS A 254 0.70 18.48 3.47
N LYS A 255 2.00 18.75 3.36
CA LYS A 255 2.47 19.87 2.56
C LYS A 255 2.18 19.66 1.08
N VAL A 256 2.49 18.46 0.56
CA VAL A 256 2.31 18.19 -0.87
C VAL A 256 0.84 18.34 -1.24
N THR A 257 -0.05 17.76 -0.44
CA THR A 257 -1.46 17.68 -0.80
C THR A 257 -2.30 18.84 -0.28
N LYS A 258 -1.65 19.86 0.30
CA LYS A 258 -2.39 20.89 1.01
C LYS A 258 -3.47 21.53 0.13
N ASN A 259 -3.16 21.79 -1.13
CA ASN A 259 -4.11 22.43 -2.02
C ASN A 259 -4.79 21.46 -2.99
N TRP A 260 -4.69 20.15 -2.76
CA TRP A 260 -5.43 19.22 -3.60
C TRP A 260 -6.92 19.48 -3.42
N PRO A 261 -7.69 19.52 -4.49
CA PRO A 261 -9.13 19.77 -4.36
C PRO A 261 -9.83 18.53 -3.85
N ASN A 262 -10.99 18.75 -3.22
CA ASN A 262 -11.87 17.68 -2.74
C ASN A 262 -11.13 16.66 -1.89
N GLN A 263 -10.41 17.14 -0.87
CA GLN A 263 -9.69 16.26 0.03
C GLN A 263 -9.95 16.62 1.48
N LYS A 264 -10.55 15.70 2.20
CA LYS A 264 -10.76 15.81 3.64
C LYS A 264 -9.62 15.08 4.36
N THR A 265 -9.21 15.62 5.50
CA THR A 265 -8.10 15.06 6.25
C THR A 265 -8.60 14.66 7.64
N VAL A 266 -8.24 13.45 8.05
CA VAL A 266 -8.49 12.97 9.40
C VAL A 266 -7.15 12.55 9.97
N THR A 267 -6.96 12.78 11.27
CA THR A 267 -5.69 12.56 11.93
C THR A 267 -5.86 11.43 12.95
N VAL A 268 -4.95 10.47 12.93
CA VAL A 268 -4.96 9.36 13.88
C VAL A 268 -3.57 9.24 14.50
N LYS A 269 -3.52 8.52 15.60
CA LYS A 269 -2.25 8.24 16.23
C LYS A 269 -1.55 7.12 15.45
N GLY A 270 -0.31 7.36 15.04
CA GLY A 270 0.50 6.30 14.48
C GLY A 270 1.83 6.83 14.01
N LEU A 271 2.72 5.89 13.73
CA LEU A 271 3.94 6.15 12.97
C LEU A 271 3.69 5.75 11.51
N HIS A 272 4.56 5.00 10.83
CA HIS A 272 4.27 4.71 9.42
C HIS A 272 3.20 3.64 9.25
N PHE A 273 3.23 2.56 10.04
CA PHE A 273 2.26 1.48 9.93
C PHE A 273 1.06 1.74 10.83
N LEU A 274 0.46 2.91 10.59
CA LEU A 274 -0.65 3.44 11.38
C LEU A 274 -1.80 2.45 11.55
N GLN A 275 -1.94 1.46 10.66
CA GLN A 275 -3.01 0.47 10.81
C GLN A 275 -2.86 -0.38 12.06
N GLU A 276 -1.63 -0.56 12.55
CA GLU A 276 -1.47 -1.38 13.74
C GLU A 276 -1.72 -0.60 15.03
N ASP A 277 -1.71 0.73 14.97
CA ASP A 277 -1.95 1.55 16.16
C ASP A 277 -3.35 2.13 16.24
N SER A 278 -3.99 2.44 15.10
CA SER A 278 -5.34 2.99 15.18
C SER A 278 -6.28 2.37 14.17
N PRO A 279 -6.45 1.04 14.18
CA PRO A 279 -7.28 0.42 13.14
C PRO A 279 -8.75 0.76 13.27
N GLU A 280 -9.24 0.92 14.50
CA GLU A 280 -10.65 1.25 14.68
C GLU A 280 -10.96 2.63 14.10
N GLU A 281 -10.17 3.63 14.48
CA GLU A 281 -10.40 4.99 13.99
C GLU A 281 -10.24 5.08 12.48
N ILE A 282 -9.26 4.36 11.94
CA ILE A 282 -9.08 4.33 10.48
C ILE A 282 -10.27 3.68 9.81
N GLY A 283 -10.71 2.53 10.32
CA GLY A 283 -11.92 1.91 9.80
C GLY A 283 -13.15 2.81 9.87
N GLU A 284 -13.40 3.42 11.04
CA GLU A 284 -14.56 4.32 11.17
C GLU A 284 -14.49 5.47 10.19
N ALA A 285 -13.28 6.00 9.95
CA ALA A 285 -13.13 7.11 9.02
C ALA A 285 -13.48 6.70 7.60
N ILE A 286 -13.07 5.50 7.18
CA ILE A 286 -13.38 5.02 5.84
C ILE A 286 -14.89 4.82 5.70
N ALA A 287 -15.53 4.25 6.72
CA ALA A 287 -16.99 4.13 6.70
C ALA A 287 -17.67 5.49 6.57
N ASP A 288 -17.20 6.47 7.36
CA ASP A 288 -17.74 7.84 7.24
C ASP A 288 -17.56 8.38 5.83
N PHE A 289 -16.40 8.13 5.22
CA PHE A 289 -16.16 8.53 3.85
C PHE A 289 -17.10 7.81 2.89
N LEU A 290 -17.35 6.52 3.13
CA LEU A 290 -18.27 5.78 2.27
C LEU A 290 -19.68 6.34 2.40
N ASN A 291 -20.11 6.65 3.63
CA ASN A 291 -21.46 7.15 3.82
C ASN A 291 -21.62 8.56 3.28
N GLU A 292 -20.55 9.37 3.35
CA GLU A 292 -20.57 10.66 2.68
C GLU A 292 -20.67 10.50 1.16
N LEU A 293 -20.24 9.37 0.63
CA LEU A 293 -20.37 9.10 -0.81
C LEU A 293 -21.83 8.83 -1.17
N THR A 294 -22.49 7.91 -0.47
CA THR A 294 -23.83 7.46 -0.82
C THR A 294 -24.90 8.48 -0.41
#